data_6JIK
#
_entry.id   6JIK
#
_cell.length_a   37.250
_cell.length_b   65.700
_cell.length_c   75.010
_cell.angle_alpha   90.00
_cell.angle_beta   90.00
_cell.angle_gamma   90.00
#
_symmetry.space_group_name_H-M   'P 21 21 21'
#
loop_
_entity.id
_entity.type
_entity.pdbx_description
1 polymer 'Rho GTPase Rho1'
2 non-polymer "5'-GUANOSINE-DIPHOSPHATE-MONOTHIOPHOSPHATE"
3 non-polymer 'MAGNESIUM ION'
4 water water
#
_entity_poly.entity_id   1
_entity_poly.type   'polypeptide(L)'
_entity_poly.pdbx_seq_one_letter_code
;MAEIRRKLVIVGDGACGKTCLLIVNSKGTFPEVYVPTVFENYVADVEVDGKHVELALWDTAGQEDYDRLRPLSYPDSHVI
LICFAIDSPDSLDNVQEKWISEVLHFCQGLPIILVGCKKDLRHDPKTIEELHKTSQKPVTPEQGEEVRKKIGAYKYLECS
ARTNEGVREVFEAATRAALLTKTHKKKGKCTIL
;
_entity_poly.pdbx_strand_id   A
#
# COMPACT_ATOMS: atom_id res chain seq x y z
N GLU A 3 -18.44 -2.53 18.47
CA GLU A 3 -17.22 -1.97 17.81
C GLU A 3 -16.67 -2.99 16.81
N ILE A 4 -16.76 -2.67 15.51
CA ILE A 4 -16.24 -3.52 14.40
C ILE A 4 -14.75 -3.19 14.23
N ARG A 5 -13.89 -4.22 14.34
CA ARG A 5 -12.41 -4.09 14.23
C ARG A 5 -11.89 -5.03 13.14
N ARG A 6 -11.06 -4.50 12.24
CA ARG A 6 -10.33 -5.28 11.20
C ARG A 6 -8.87 -4.83 11.18
N LYS A 7 -8.00 -5.69 10.65
CA LYS A 7 -6.52 -5.50 10.64
C LYS A 7 -6.05 -5.37 9.19
N LEU A 8 -5.44 -4.23 8.85
CA LEU A 8 -4.77 -3.96 7.55
C LEU A 8 -3.26 -4.01 7.78
N VAL A 9 -2.52 -4.66 6.86
CA VAL A 9 -1.03 -4.66 6.81
C VAL A 9 -0.61 -4.09 5.45
N ILE A 10 0.29 -3.11 5.46
CA ILE A 10 0.82 -2.43 4.23
C ILE A 10 2.28 -2.84 4.04
N VAL A 11 2.60 -3.38 2.86
CA VAL A 11 3.97 -3.86 2.49
C VAL A 11 4.34 -3.28 1.11
N GLY A 12 5.62 -3.37 0.76
CA GLY A 12 6.20 -2.75 -0.46
C GLY A 12 7.59 -2.22 -0.19
N ASP A 13 8.34 -1.89 -1.25
CA ASP A 13 9.77 -1.47 -1.21
C ASP A 13 9.96 -0.31 -0.23
N GLY A 14 11.17 -0.18 0.31
CA GLY A 14 11.62 0.98 1.10
C GLY A 14 11.45 2.26 0.29
N ALA A 15 10.83 3.28 0.91
CA ALA A 15 10.63 4.64 0.34
C ALA A 15 9.55 4.64 -0.74
N CYS A 16 8.76 3.55 -0.86
CA CYS A 16 7.70 3.41 -1.90
C CYS A 16 6.50 4.29 -1.54
N GLY A 17 6.37 4.66 -0.26
CA GLY A 17 5.42 5.69 0.23
C GLY A 17 4.31 5.12 1.10
N LYS A 18 4.60 4.09 1.91
CA LYS A 18 3.61 3.36 2.76
C LYS A 18 3.23 4.23 3.96
N THR A 19 4.22 4.74 4.70
CA THR A 19 4.02 5.50 5.97
C THR A 19 3.20 6.77 5.70
N CYS A 20 3.59 7.54 4.67
CA CYS A 20 2.94 8.82 4.29
C CYS A 20 1.47 8.60 3.95
N LEU A 21 1.14 7.46 3.30
CA LEU A 21 -0.25 7.07 2.95
C LEU A 21 -1.04 6.83 4.25
N LEU A 22 -0.51 6.00 5.16
CA LEU A 22 -1.15 5.66 6.46
C LEU A 22 -1.42 6.95 7.26
N ILE A 23 -0.42 7.82 7.40
CA ILE A 23 -0.48 9.04 8.27
C ILE A 23 -1.45 10.05 7.67
N VAL A 24 -1.45 10.23 6.35
CA VAL A 24 -2.35 11.20 5.64
C VAL A 24 -3.81 10.74 5.79
N ASN A 25 -4.07 9.43 5.72
CA ASN A 25 -5.43 8.86 5.89
C ASN A 25 -5.89 9.05 7.35
N SER A 26 -5.05 8.67 8.31
CA SER A 26 -5.39 8.52 9.75
C SER A 26 -5.26 9.85 10.50
N LYS A 27 -4.17 10.60 10.27
CA LYS A 27 -3.87 11.87 11.00
C LYS A 27 -4.32 13.07 10.15
N GLY A 28 -4.03 13.07 8.84
CA GLY A 28 -4.51 14.08 7.88
C GLY A 28 -3.49 15.16 7.58
N THR A 29 -2.19 14.85 7.72
CA THR A 29 -1.06 15.77 7.42
C THR A 29 0.12 14.95 6.89
N PHE A 30 0.69 15.35 5.75
CA PHE A 30 1.86 14.71 5.11
C PHE A 30 3.09 14.89 6.00
N PRO A 31 3.80 13.80 6.39
CA PRO A 31 5.00 13.92 7.21
C PRO A 31 6.06 14.82 6.54
N GLU A 32 6.45 15.89 7.24
CA GLU A 32 7.43 16.91 6.74
C GLU A 32 8.82 16.29 6.59
N VAL A 33 9.11 15.24 7.39
CA VAL A 33 10.45 14.59 7.48
C VAL A 33 10.28 13.09 7.21
N TYR A 34 11.27 12.46 6.57
CA TYR A 34 11.26 11.03 6.18
C TYR A 34 12.05 10.22 7.22
N VAL A 35 11.35 9.32 7.93
CA VAL A 35 11.92 8.34 8.89
C VAL A 35 11.57 6.94 8.40
N PRO A 36 12.53 6.19 7.81
CA PRO A 36 12.34 4.75 7.52
C PRO A 36 11.70 4.00 8.69
N THR A 37 10.68 3.18 8.40
CA THR A 37 9.89 2.41 9.39
C THR A 37 10.63 1.13 9.77
N VAL A 38 10.46 0.67 11.01
CA VAL A 38 10.82 -0.69 11.50
C VAL A 38 9.50 -1.46 11.66
N PHE A 39 8.61 -0.96 12.53
CA PHE A 39 7.25 -1.50 12.77
C PHE A 39 6.46 -0.52 13.65
N GLU A 40 5.35 0.00 13.13
CA GLU A 40 4.42 0.93 13.84
C GLU A 40 2.98 0.50 13.56
N ASN A 41 2.07 0.74 14.52
CA ASN A 41 0.62 0.48 14.39
C ASN A 41 -0.14 1.80 14.58
N TYR A 42 -1.02 2.13 13.63
CA TYR A 42 -1.97 3.26 13.70
C TYR A 42 -3.40 2.70 13.71
N VAL A 43 -4.38 3.59 13.80
CA VAL A 43 -5.84 3.24 13.81
C VAL A 43 -6.60 4.40 13.15
N ALA A 44 -7.60 4.08 12.32
CA ALA A 44 -8.48 5.06 11.64
C ALA A 44 -9.92 4.56 11.69
N ASP A 45 -10.86 5.47 12.00
CA ASP A 45 -12.32 5.24 11.88
C ASP A 45 -12.69 5.33 10.39
N VAL A 46 -13.18 4.24 9.81
CA VAL A 46 -13.58 4.14 8.38
C VAL A 46 -15.09 3.88 8.31
N GLU A 47 -15.82 4.74 7.58
CA GLU A 47 -17.29 4.62 7.39
C GLU A 47 -17.57 4.22 5.94
N VAL A 48 -18.01 2.97 5.73
CA VAL A 48 -18.40 2.40 4.40
C VAL A 48 -19.73 1.65 4.56
N ASP A 49 -20.70 1.95 3.71
CA ASP A 49 -21.99 1.21 3.57
C ASP A 49 -22.76 1.23 4.91
N GLY A 50 -22.69 2.34 5.64
CA GLY A 50 -23.43 2.56 6.90
C GLY A 50 -22.75 1.90 8.11
N LYS A 51 -21.59 1.27 7.90
CA LYS A 51 -20.83 0.53 8.95
C LYS A 51 -19.60 1.35 9.36
N HIS A 52 -19.34 1.45 10.67
CA HIS A 52 -18.15 2.11 11.26
C HIS A 52 -17.13 1.04 11.66
N VAL A 53 -15.97 1.00 10.98
CA VAL A 53 -14.87 0.01 11.21
C VAL A 53 -13.67 0.75 11.80
N GLU A 54 -13.20 0.31 12.98
CA GLU A 54 -11.89 0.69 13.57
C GLU A 54 -10.81 -0.13 12.84
N LEU A 55 -10.23 0.42 11.78
CA LEU A 55 -9.21 -0.24 10.92
C LEU A 55 -7.83 -0.02 11.52
N ALA A 56 -7.23 -1.09 12.08
CA ALA A 56 -5.84 -1.10 12.59
C ALA A 56 -4.88 -1.09 11.40
N LEU A 57 -4.08 -0.04 11.27
CA LEU A 57 -3.08 0.15 10.18
C LEU A 57 -1.71 -0.33 10.67
N TRP A 58 -1.29 -1.52 10.25
CA TRP A 58 0.02 -2.13 10.61
C TRP A 58 1.08 -1.75 9.57
N ASP A 59 1.90 -0.75 9.90
CA ASP A 59 3.01 -0.25 9.03
C ASP A 59 4.21 -1.19 9.19
N THR A 60 4.92 -1.47 8.10
CA THR A 60 6.07 -2.41 8.05
C THR A 60 7.27 -1.75 7.36
N ALA A 61 8.46 -2.34 7.54
CA ALA A 61 9.74 -1.89 6.96
C ALA A 61 9.88 -2.43 5.52
N GLY A 62 9.92 -1.52 4.53
CA GLY A 62 10.21 -1.87 3.13
C GLY A 62 11.66 -2.30 2.94
N GLN A 63 12.55 -1.83 3.82
CA GLN A 63 14.00 -2.17 3.83
C GLN A 63 14.16 -3.70 4.02
N GLU A 64 15.01 -4.32 3.19
CA GLU A 64 15.23 -5.79 3.18
C GLU A 64 16.02 -6.22 4.43
N ASP A 65 16.71 -5.28 5.08
CA ASP A 65 17.47 -5.53 6.35
C ASP A 65 16.51 -5.99 7.45
N TYR A 66 15.22 -5.68 7.34
CA TYR A 66 14.16 -6.02 8.33
C TYR A 66 13.25 -7.14 7.77
N ASP A 67 13.78 -7.98 6.88
CA ASP A 67 13.06 -9.14 6.27
C ASP A 67 12.66 -10.13 7.37
N ARG A 68 13.52 -10.32 8.37
CA ARG A 68 13.42 -11.38 9.41
C ARG A 68 12.15 -11.20 10.26
N LEU A 69 11.96 -10.00 10.85
CA LEU A 69 10.93 -9.74 11.89
C LEU A 69 9.65 -9.16 11.26
N ARG A 70 9.66 -8.84 9.96
CA ARG A 70 8.50 -8.22 9.26
C ARG A 70 7.27 -9.14 9.32
N PRO A 71 7.40 -10.46 9.14
CA PRO A 71 6.23 -11.36 9.13
C PRO A 71 5.49 -11.48 10.47
N LEU A 72 6.02 -10.90 11.55
CA LEU A 72 5.35 -10.84 12.89
C LEU A 72 4.12 -9.94 12.81
N SER A 73 4.00 -9.10 11.77
CA SER A 73 2.89 -8.14 11.56
C SER A 73 1.69 -8.82 10.89
N TYR A 74 1.88 -9.97 10.24
CA TYR A 74 0.89 -10.59 9.30
C TYR A 74 -0.26 -11.29 10.05
N PRO A 75 -0.01 -12.11 11.10
CA PRO A 75 -1.07 -12.93 11.69
C PRO A 75 -2.40 -12.21 11.96
N ASP A 76 -3.52 -12.85 11.61
CA ASP A 76 -4.91 -12.39 11.88
C ASP A 76 -5.22 -11.13 11.07
N SER A 77 -4.57 -10.96 9.91
CA SER A 77 -4.83 -9.87 8.94
C SER A 77 -6.13 -10.16 8.19
N HIS A 78 -6.84 -9.11 7.75
CA HIS A 78 -8.13 -9.20 7.02
C HIS A 78 -8.00 -8.63 5.59
N VAL A 79 -6.97 -7.83 5.33
CA VAL A 79 -6.70 -7.22 4.00
C VAL A 79 -5.22 -6.81 3.95
N ILE A 80 -4.57 -6.99 2.79
CA ILE A 80 -3.13 -6.65 2.56
C ILE A 80 -3.05 -5.62 1.43
N LEU A 81 -2.40 -4.49 1.70
CA LEU A 81 -1.98 -3.50 0.67
C LEU A 81 -0.52 -3.78 0.30
N ILE A 82 -0.26 -4.27 -0.91
CA ILE A 82 1.12 -4.34 -1.49
C ILE A 82 1.31 -3.08 -2.34
N CYS A 83 2.28 -2.25 -1.97
CA CYS A 83 2.52 -0.90 -2.54
C CYS A 83 3.76 -0.89 -3.42
N PHE A 84 3.80 0.07 -4.35
CA PHE A 84 4.97 0.42 -5.19
C PHE A 84 4.88 1.92 -5.48
N ALA A 85 6.01 2.54 -5.86
CA ALA A 85 6.10 3.97 -6.22
C ALA A 85 5.96 4.10 -7.74
N ILE A 86 5.02 4.95 -8.19
CA ILE A 86 4.66 5.17 -9.62
C ILE A 86 5.87 5.76 -10.37
N ASP A 87 6.78 6.44 -9.66
CA ASP A 87 8.03 7.02 -10.25
C ASP A 87 9.17 5.98 -10.17
N SER A 88 8.88 4.73 -9.85
CA SER A 88 9.88 3.62 -9.72
C SER A 88 9.32 2.33 -10.34
N PRO A 89 9.61 2.07 -11.63
CA PRO A 89 9.29 0.77 -12.25
C PRO A 89 9.88 -0.43 -11.49
N ASP A 90 11.08 -0.27 -10.93
CA ASP A 90 11.80 -1.31 -10.14
C ASP A 90 10.96 -1.74 -8.93
N SER A 91 10.24 -0.81 -8.31
CA SER A 91 9.38 -1.06 -7.11
C SER A 91 8.18 -1.91 -7.51
N LEU A 92 7.69 -1.77 -8.74
CA LEU A 92 6.56 -2.58 -9.30
C LEU A 92 7.06 -4.00 -9.61
N ASP A 93 8.31 -4.14 -10.04
CA ASP A 93 8.99 -5.45 -10.28
C ASP A 93 9.00 -6.25 -8.96
N ASN A 94 9.42 -5.60 -7.86
CA ASN A 94 9.61 -6.22 -6.53
C ASN A 94 8.26 -6.70 -5.97
N VAL A 95 7.15 -6.06 -6.38
CA VAL A 95 5.77 -6.53 -6.05
C VAL A 95 5.63 -7.99 -6.48
N GLN A 96 6.10 -8.33 -7.69
CA GLN A 96 6.06 -9.69 -8.27
C GLN A 96 7.23 -10.53 -7.73
N GLU A 97 8.43 -9.94 -7.63
CA GLU A 97 9.71 -10.66 -7.37
C GLU A 97 9.85 -11.03 -5.89
N LYS A 98 9.28 -10.23 -4.98
CA LYS A 98 9.51 -10.36 -3.52
C LYS A 98 8.19 -10.38 -2.74
N TRP A 99 7.34 -9.36 -2.91
CA TRP A 99 6.23 -9.03 -1.98
C TRP A 99 5.09 -10.06 -2.06
N ILE A 100 4.69 -10.48 -3.26
CA ILE A 100 3.56 -11.44 -3.45
C ILE A 100 3.93 -12.79 -2.81
N SER A 101 5.18 -13.24 -2.96
CA SER A 101 5.69 -14.53 -2.41
C SER A 101 5.62 -14.52 -0.88
N GLU A 102 6.08 -13.43 -0.26
CA GLU A 102 6.09 -13.24 1.23
C GLU A 102 4.64 -13.23 1.73
N VAL A 103 3.82 -12.34 1.20
CA VAL A 103 2.38 -12.14 1.58
C VAL A 103 1.66 -13.49 1.52
N LEU A 104 1.90 -14.28 0.46
CA LEU A 104 1.19 -15.58 0.23
C LEU A 104 1.74 -16.67 1.15
N HIS A 105 2.98 -16.56 1.62
CA HIS A 105 3.59 -17.53 2.59
C HIS A 105 2.88 -17.41 3.95
N PHE A 106 2.42 -16.20 4.32
CA PHE A 106 1.92 -15.85 5.67
C PHE A 106 0.43 -15.52 5.68
N CYS A 107 -0.14 -15.08 4.54
CA CYS A 107 -1.54 -14.58 4.43
C CYS A 107 -2.30 -15.33 3.34
N GLN A 108 -2.53 -16.63 3.55
CA GLN A 108 -3.34 -17.51 2.66
C GLN A 108 -4.82 -17.13 2.80
N GLY A 109 -5.46 -16.78 1.67
CA GLY A 109 -6.92 -16.58 1.57
C GLY A 109 -7.36 -15.15 1.81
N LEU A 110 -6.43 -14.19 1.89
CA LEU A 110 -6.74 -12.75 2.15
C LEU A 110 -6.95 -12.02 0.83
N PRO A 111 -7.79 -10.96 0.81
CA PRO A 111 -7.84 -10.05 -0.34
C PRO A 111 -6.63 -9.10 -0.33
N ILE A 112 -6.02 -8.91 -1.50
CA ILE A 112 -4.87 -7.97 -1.71
C ILE A 112 -5.32 -6.82 -2.59
N ILE A 113 -5.09 -5.59 -2.15
CA ILE A 113 -5.21 -4.34 -2.97
C ILE A 113 -3.81 -3.89 -3.37
N LEU A 114 -3.49 -3.93 -4.67
CA LEU A 114 -2.26 -3.34 -5.25
C LEU A 114 -2.44 -1.81 -5.26
N VAL A 115 -1.49 -1.08 -4.64
CA VAL A 115 -1.60 0.40 -4.42
C VAL A 115 -0.38 1.09 -5.05
N GLY A 116 -0.60 1.78 -6.17
CA GLY A 116 0.38 2.69 -6.79
C GLY A 116 0.43 4.02 -6.04
N CYS A 117 1.55 4.30 -5.37
CA CYS A 117 1.76 5.50 -4.52
C CYS A 117 2.52 6.57 -5.31
N LYS A 118 2.46 7.82 -4.83
CA LYS A 118 3.15 9.00 -5.41
C LYS A 118 2.62 9.26 -6.83
N LYS A 119 1.30 9.21 -7.01
CA LYS A 119 0.60 9.44 -8.32
C LYS A 119 0.93 10.84 -8.84
N ASP A 120 1.26 11.78 -7.95
CA ASP A 120 1.58 13.20 -8.29
C ASP A 120 2.87 13.28 -9.11
N LEU A 121 3.70 12.24 -9.12
CA LEU A 121 5.03 12.24 -9.79
C LEU A 121 4.93 11.72 -11.25
N ARG A 122 3.79 11.14 -11.66
CA ARG A 122 3.61 10.60 -13.04
C ARG A 122 3.79 11.75 -14.04
N HIS A 123 3.12 12.88 -13.81
CA HIS A 123 3.08 14.06 -14.72
C HIS A 123 4.06 15.15 -14.26
N ASP A 124 4.81 14.91 -13.18
CA ASP A 124 5.82 15.86 -12.63
C ASP A 124 6.93 16.03 -13.67
N PRO A 125 7.05 17.22 -14.32
CA PRO A 125 8.07 17.44 -15.34
C PRO A 125 9.51 17.17 -14.86
N LYS A 126 9.78 17.45 -13.58
CA LYS A 126 11.09 17.22 -12.92
C LYS A 126 11.37 15.71 -12.88
N THR A 127 10.42 14.93 -12.34
CA THR A 127 10.50 13.44 -12.21
C THR A 127 10.70 12.80 -13.59
N ILE A 128 9.90 13.21 -14.58
CA ILE A 128 9.93 12.66 -15.97
C ILE A 128 11.32 12.86 -16.57
N GLU A 129 11.88 14.07 -16.44
CA GLU A 129 13.24 14.43 -16.96
C GLU A 129 14.30 13.52 -16.32
N GLU A 130 14.20 13.30 -15.00
CA GLU A 130 15.22 12.56 -14.21
C GLU A 130 15.19 11.07 -14.57
N LEU A 131 14.01 10.48 -14.72
CA LEU A 131 13.84 9.05 -15.13
C LEU A 131 14.30 8.89 -16.58
N HIS A 132 14.03 9.87 -17.44
CA HIS A 132 14.39 9.89 -18.89
C HIS A 132 15.91 9.81 -19.05
N LYS A 133 16.67 10.31 -18.07
CA LYS A 133 18.16 10.27 -18.03
C LYS A 133 18.65 8.81 -18.02
N THR A 134 17.90 7.91 -17.36
CA THR A 134 18.22 6.47 -17.21
C THR A 134 17.32 5.63 -18.12
N SER A 135 16.62 6.27 -19.06
CA SER A 135 15.69 5.65 -20.04
C SER A 135 14.58 4.88 -19.32
N GLN A 136 14.07 5.43 -18.21
CA GLN A 136 12.89 4.93 -17.45
C GLN A 136 11.73 5.91 -17.64
N LYS A 137 10.50 5.43 -17.43
CA LYS A 137 9.26 6.25 -17.42
C LYS A 137 8.45 5.89 -16.18
N PRO A 138 7.67 6.84 -15.60
CA PRO A 138 6.76 6.50 -14.52
C PRO A 138 5.78 5.38 -14.91
N VAL A 139 5.38 4.54 -13.95
CA VAL A 139 4.47 3.38 -14.15
C VAL A 139 3.13 3.90 -14.67
N THR A 140 2.55 3.21 -15.65
CA THR A 140 1.23 3.53 -16.27
C THR A 140 0.14 2.77 -15.54
N PRO A 141 -1.13 3.24 -15.55
CA PRO A 141 -2.25 2.49 -14.96
C PRO A 141 -2.43 1.10 -15.59
N GLU A 142 -2.11 0.96 -16.88
CA GLU A 142 -2.21 -0.31 -17.65
C GLU A 142 -1.15 -1.30 -17.13
N GLN A 143 0.04 -0.80 -16.78
CA GLN A 143 1.17 -1.61 -16.24
C GLN A 143 0.79 -2.13 -14.84
N GLY A 144 0.25 -1.27 -13.98
CA GLY A 144 -0.25 -1.63 -12.64
C GLY A 144 -1.41 -2.61 -12.73
N GLU A 145 -2.28 -2.43 -13.72
CA GLU A 145 -3.48 -3.28 -13.97
C GLU A 145 -3.03 -4.72 -14.30
N GLU A 146 -1.99 -4.87 -15.12
CA GLU A 146 -1.47 -6.20 -15.56
C GLU A 146 -0.84 -6.93 -14.36
N VAL A 147 -0.06 -6.22 -13.55
CA VAL A 147 0.61 -6.76 -12.32
C VAL A 147 -0.48 -7.21 -11.34
N ARG A 148 -1.49 -6.36 -11.11
CA ARG A 148 -2.68 -6.66 -10.28
C ARG A 148 -3.25 -8.03 -10.68
N LYS A 149 -3.42 -8.25 -11.99
CA LYS A 149 -4.01 -9.49 -12.58
C LYS A 149 -3.07 -10.68 -12.35
N LYS A 150 -1.75 -10.48 -12.51
CA LYS A 150 -0.73 -11.55 -12.44
C LYS A 150 -0.56 -12.05 -10.99
N ILE A 151 -0.60 -11.15 -10.01
CA ILE A 151 -0.46 -11.50 -8.56
C ILE A 151 -1.83 -11.88 -7.98
N GLY A 152 -2.90 -11.78 -8.79
CA GLY A 152 -4.27 -12.13 -8.40
C GLY A 152 -4.84 -11.16 -7.36
N ALA A 153 -4.43 -9.89 -7.43
CA ALA A 153 -4.89 -8.81 -6.53
C ALA A 153 -6.34 -8.44 -6.91
N TYR A 154 -7.18 -8.19 -5.90
CA TYR A 154 -8.63 -7.91 -6.01
C TYR A 154 -8.85 -6.61 -6.80
N LYS A 155 -8.19 -5.54 -6.37
CA LYS A 155 -8.26 -4.19 -7.01
C LYS A 155 -6.85 -3.60 -7.15
N TYR A 156 -6.69 -2.68 -8.10
CA TYR A 156 -5.52 -1.77 -8.23
C TYR A 156 -6.01 -0.33 -8.08
N LEU A 157 -5.45 0.40 -7.11
CA LEU A 157 -5.81 1.80 -6.81
C LEU A 157 -4.55 2.66 -6.80
N GLU A 158 -4.59 3.79 -7.51
CA GLU A 158 -3.51 4.81 -7.54
C GLU A 158 -3.89 5.95 -6.60
N CYS A 159 -2.93 6.44 -5.81
CA CYS A 159 -3.11 7.51 -4.82
C CYS A 159 -1.84 8.36 -4.70
N SER A 160 -1.98 9.57 -4.16
CA SER A 160 -0.88 10.49 -3.78
C SER A 160 -1.12 10.98 -2.35
N ALA A 161 -0.32 10.53 -1.39
CA ALA A 161 -0.31 11.02 0.02
C ALA A 161 -0.04 12.53 0.01
N ARG A 162 0.86 12.99 -0.87
CA ARG A 162 1.29 14.40 -1.02
C ARG A 162 0.07 15.30 -1.25
N THR A 163 -0.77 14.96 -2.24
CA THR A 163 -1.92 15.76 -2.71
C THR A 163 -3.22 15.27 -2.06
N ASN A 164 -3.19 14.08 -1.43
CA ASN A 164 -4.37 13.40 -0.82
C ASN A 164 -5.29 12.86 -1.92
N GLU A 165 -4.81 12.76 -3.17
CA GLU A 165 -5.59 12.22 -4.31
C GLU A 165 -5.74 10.71 -4.14
N GLY A 166 -6.98 10.22 -4.05
CA GLY A 166 -7.33 8.79 -4.06
C GLY A 166 -6.90 8.06 -2.80
N VAL A 167 -6.65 8.77 -1.70
CA VAL A 167 -6.20 8.18 -0.40
C VAL A 167 -7.39 7.48 0.25
N ARG A 168 -8.56 8.14 0.33
CA ARG A 168 -9.78 7.59 0.98
C ARG A 168 -10.23 6.32 0.26
N GLU A 169 -10.18 6.31 -1.07
CA GLU A 169 -10.66 5.19 -1.92
C GLU A 169 -9.88 3.90 -1.60
N VAL A 170 -8.59 4.03 -1.26
CA VAL A 170 -7.69 2.90 -0.88
C VAL A 170 -8.28 2.19 0.34
N PHE A 171 -8.52 2.94 1.42
CA PHE A 171 -8.86 2.40 2.78
C PHE A 171 -10.35 2.06 2.86
N GLU A 172 -11.19 2.66 2.01
CA GLU A 172 -12.63 2.32 1.89
C GLU A 172 -12.77 0.96 1.21
N ALA A 173 -12.02 0.73 0.13
CA ALA A 173 -11.94 -0.57 -0.60
C ALA A 173 -11.37 -1.64 0.33
N ALA A 174 -10.29 -1.31 1.05
CA ALA A 174 -9.58 -2.19 2.01
C ALA A 174 -10.53 -2.62 3.14
N THR A 175 -11.33 -1.68 3.66
CA THR A 175 -12.28 -1.90 4.78
C THR A 175 -13.41 -2.81 4.31
N ARG A 176 -13.98 -2.54 3.13
CA ARG A 176 -15.04 -3.37 2.49
C ARG A 176 -14.53 -4.80 2.32
N ALA A 177 -13.29 -4.96 1.85
CA ALA A 177 -12.61 -6.26 1.62
C ALA A 177 -12.44 -7.00 2.97
N ALA A 178 -12.05 -6.26 4.02
CA ALA A 178 -11.81 -6.79 5.38
C ALA A 178 -13.13 -7.25 6.02
N LEU A 179 -14.25 -6.62 5.67
CA LEU A 179 -15.60 -6.95 6.20
C LEU A 179 -16.14 -8.23 5.53
N LEU A 180 -15.55 -8.65 4.40
CA LEU A 180 -15.89 -9.90 3.69
C LEU A 180 -15.00 -11.04 4.21
N THR A 181 -13.68 -10.81 4.29
CA THR A 181 -12.67 -11.77 4.82
C THR A 181 -13.18 -12.42 6.10
N LYS A 182 -13.69 -11.59 7.03
CA LYS A 182 -14.28 -12.00 8.33
C LYS A 182 -15.68 -11.39 8.45
N THR A 183 -16.70 -12.22 8.68
CA THR A 183 -18.13 -11.82 8.81
C THR A 183 -18.57 -11.97 10.27
N HIS A 184 -17.71 -11.57 11.23
CA HIS A 184 -18.00 -11.53 12.69
C HIS A 184 -16.87 -10.80 13.43
#